data_3R20
#
_entry.id   3R20
#
_cell.length_a   96.220
_cell.length_b   96.220
_cell.length_c   43.150
_cell.angle_alpha   90.000
_cell.angle_beta   90.000
_cell.angle_gamma   120.000
#
_symmetry.space_group_name_H-M   'P 3 2 1'
#
loop_
_entity.id
_entity.type
_entity.pdbx_description
1 polymer 'Cytidylate kinase'
2 non-polymer DIPHOSPHATE
3 non-polymer 1,2-ETHANEDIOL
4 non-polymer 'CHLORIDE ION'
5 non-polymer 'SULFATE ION'
6 water water
#
_entity_poly.entity_id   1
_entity_poly.type   'polypeptide(L)'
_entity_poly.pdbx_seq_one_letter_code
;GPGSMVSGSLVVAVDGPAGTGKSSVSRGLARALGARYLDTGAMYRIATLAVLRAGADLTDPAAIEKAAADAEIGVGSDPD
VDAAFLAGEDVSSEIRGDAVTGAVSAVSAVPAVRTRLVDIQRKLATEGGRVVVEGRDIGTVVLPDADVKIFLTASAEERA
RRRNAQNVANGLPDDYATVLADVQRRDHLDSTRPVSPLRAADDALVVDTSDMDQAQVIAHLLDLVTAQAGARR
;
_entity_poly.pdbx_strand_id   A
#
# COMPACT_ATOMS: atom_id res chain seq x y z
N SER A 9 -0.04 -18.21 -13.92
CA SER A 9 -1.19 -17.59 -13.20
C SER A 9 -0.94 -17.13 -11.73
N LEU A 10 0.31 -17.16 -11.28
CA LEU A 10 0.69 -16.86 -9.90
C LEU A 10 0.15 -15.53 -9.29
N VAL A 11 -0.47 -15.64 -8.12
CA VAL A 11 -0.94 -14.48 -7.33
C VAL A 11 -0.11 -14.38 -6.04
N VAL A 12 0.58 -13.26 -5.90
CA VAL A 12 1.50 -13.06 -4.77
C VAL A 12 1.01 -11.91 -3.90
N ALA A 13 0.83 -12.13 -2.60
CA ALA A 13 0.38 -11.07 -1.67
C ALA A 13 1.56 -10.54 -0.84
N VAL A 14 1.70 -9.22 -0.75
CA VAL A 14 2.76 -8.63 0.10
C VAL A 14 2.12 -7.63 1.03
N ASP A 15 2.19 -7.92 2.33
CA ASP A 15 1.54 -7.16 3.37
C ASP A 15 2.57 -6.74 4.41
N GLY A 16 2.17 -5.81 5.27
CA GLY A 16 3.01 -5.38 6.42
C GLY A 16 2.88 -3.88 6.64
N PRO A 17 3.38 -3.36 7.77
CA PRO A 17 3.29 -1.91 8.00
C PRO A 17 4.23 -1.12 7.06
N ALA A 18 4.05 0.18 6.97
CA ALA A 18 4.87 1.01 6.06
C ALA A 18 6.31 1.05 6.52
N GLY A 19 7.23 1.24 5.57
CA GLY A 19 8.65 1.42 5.86
C GLY A 19 9.45 0.14 6.07
N THR A 20 8.83 -1.00 5.76
CA THR A 20 9.52 -2.27 5.85
C THR A 20 10.27 -2.64 4.55
N GLY A 21 10.08 -1.86 3.48
CA GLY A 21 10.72 -2.15 2.19
C GLY A 21 9.68 -2.79 1.28
N LYS A 22 8.46 -2.79 1.74
CA LYS A 22 7.37 -3.43 1.07
C LYS A 22 7.14 -3.05 -0.41
N SER A 23 7.14 -1.78 -0.74
CA SER A 23 6.94 -1.36 -2.13
C SER A 23 8.13 -1.70 -3.02
N SER A 24 9.34 -1.52 -2.50
CA SER A 24 10.53 -1.86 -3.25
C SER A 24 10.55 -3.36 -3.50
N VAL A 25 10.21 -4.14 -2.48
CA VAL A 25 10.21 -5.60 -2.58
C VAL A 25 9.13 -6.08 -3.55
N SER A 26 7.93 -5.53 -3.46
CA SER A 26 6.82 -5.96 -4.33
C SER A 26 7.15 -5.63 -5.78
N ARG A 27 7.66 -4.42 -6.04
CA ARG A 27 8.03 -4.08 -7.43
C ARG A 27 9.19 -4.96 -7.93
N GLY A 28 10.14 -5.24 -7.05
CA GLY A 28 11.30 -6.09 -7.38
C GLY A 28 10.84 -7.48 -7.74
N LEU A 29 9.97 -8.06 -6.90
CA LEU A 29 9.39 -9.39 -7.17
C LEU A 29 8.65 -9.40 -8.49
N ALA A 30 7.83 -8.38 -8.71
CA ALA A 30 7.01 -8.28 -9.92
C ALA A 30 7.89 -8.13 -11.18
N ARG A 31 8.92 -7.28 -11.07
CA ARG A 31 9.91 -7.10 -12.14
C ARG A 31 10.52 -8.46 -12.50
N ALA A 32 11.09 -9.14 -11.51
CA ALA A 32 11.76 -10.44 -11.71
C ALA A 32 10.85 -11.57 -12.19
N LEU A 33 9.58 -11.56 -11.79
CA LEU A 33 8.65 -12.63 -12.16
C LEU A 33 7.95 -12.36 -13.48
N GLY A 34 8.14 -11.18 -14.05
CA GLY A 34 7.40 -10.76 -15.23
C GLY A 34 5.91 -10.62 -14.90
N ALA A 35 5.61 -10.15 -13.69
CA ALA A 35 4.24 -9.99 -13.23
C ALA A 35 3.76 -8.55 -13.28
N ARG A 36 2.44 -8.39 -13.32
CA ARG A 36 1.81 -7.09 -13.04
C ARG A 36 1.98 -6.73 -11.56
N TYR A 37 2.03 -5.44 -11.27
CA TYR A 37 2.18 -4.97 -9.88
C TYR A 37 0.97 -4.10 -9.54
N LEU A 38 0.32 -4.43 -8.41
CA LEU A 38 -0.85 -3.73 -7.97
C LEU A 38 -0.62 -3.11 -6.60
N ASP A 39 -0.41 -1.80 -6.60
CA ASP A 39 -0.21 -1.03 -5.38
C ASP A 39 -1.58 -0.64 -4.81
N THR A 40 -2.15 -1.41 -3.87
CA THR A 40 -3.53 -1.09 -3.42
C THR A 40 -3.57 0.19 -2.59
N GLY A 41 -2.50 0.46 -1.83
CA GLY A 41 -2.38 1.75 -1.14
C GLY A 41 -2.57 2.96 -2.07
N ALA A 42 -1.90 2.95 -3.23
CA ALA A 42 -2.09 4.01 -4.22
C ALA A 42 -3.54 4.16 -4.60
N MET A 43 -4.26 3.05 -4.71
CA MET A 43 -5.66 3.13 -5.10
C MET A 43 -6.47 3.88 -4.04
N TYR A 44 -6.18 3.66 -2.76
CA TYR A 44 -6.85 4.43 -1.70
C TYR A 44 -6.47 5.90 -1.77
N ARG A 45 -5.22 6.15 -2.08
CA ARG A 45 -4.70 7.54 -2.18
C ARG A 45 -5.33 8.29 -3.37
N ILE A 46 -5.54 7.61 -4.48
CA ILE A 46 -6.20 8.25 -5.63
C ILE A 46 -7.66 8.57 -5.30
N ALA A 47 -8.37 7.59 -4.72
CA ALA A 47 -9.71 7.85 -4.20
C ALA A 47 -9.68 9.06 -3.26
N THR A 48 -8.65 9.14 -2.40
CA THR A 48 -8.58 10.22 -1.43
C THR A 48 -8.45 11.55 -2.15
N LEU A 49 -7.67 11.57 -3.22
CA LEU A 49 -7.43 12.81 -3.97
C LEU A 49 -8.75 13.28 -4.62
N ALA A 50 -9.53 12.34 -5.14
CA ALA A 50 -10.83 12.63 -5.70
C ALA A 50 -11.77 13.22 -4.65
N VAL A 51 -11.66 12.72 -3.42
CA VAL A 51 -12.52 13.16 -2.32
C VAL A 51 -12.17 14.61 -1.97
N LEU A 52 -10.87 14.89 -1.82
CA LEU A 52 -10.40 16.26 -1.59
C LEU A 52 -10.82 17.22 -2.72
N ARG A 53 -10.57 16.81 -3.97
CA ARG A 53 -11.00 17.64 -5.10
C ARG A 53 -12.51 17.91 -5.16
N ALA A 54 -13.29 16.97 -4.66
CA ALA A 54 -14.76 17.11 -4.62
C ALA A 54 -15.24 18.01 -3.50
N GLY A 55 -14.38 18.29 -2.53
CA GLY A 55 -14.79 19.11 -1.40
C GLY A 55 -15.69 18.35 -0.44
N ALA A 56 -15.66 17.02 -0.51
CA ALA A 56 -16.58 16.20 0.29
C ALA A 56 -16.26 16.35 1.76
N ASP A 57 -17.30 16.54 2.57
CA ASP A 57 -17.23 16.65 4.01
C ASP A 57 -16.53 15.38 4.54
N LEU A 58 -15.31 15.54 5.05
CA LEU A 58 -14.53 14.40 5.56
C LEU A 58 -15.09 13.77 6.88
N THR A 59 -16.06 14.41 7.51
CA THR A 59 -16.73 13.80 8.67
C THR A 59 -18.01 13.06 8.25
N ASP A 60 -18.30 13.05 6.95
CA ASP A 60 -19.54 12.42 6.40
C ASP A 60 -19.20 11.22 5.51
N PRO A 61 -19.29 9.98 6.06
CA PRO A 61 -18.97 8.78 5.28
C PRO A 61 -19.75 8.70 3.96
N ALA A 62 -21.00 9.14 3.97
CA ALA A 62 -21.81 9.07 2.71
C ALA A 62 -21.25 10.04 1.63
N ALA A 63 -20.77 11.21 2.06
CA ALA A 63 -20.17 12.17 1.11
C ALA A 63 -18.84 11.61 0.57
N ILE A 64 -18.05 11.03 1.48
CA ILE A 64 -16.77 10.46 1.06
C ILE A 64 -17.04 9.35 0.05
N GLU A 65 -18.01 8.47 0.40
CA GLU A 65 -18.36 7.33 -0.46
C GLU A 65 -18.73 7.79 -1.86
N LYS A 66 -19.61 8.79 -1.95
CA LYS A 66 -20.06 9.33 -3.25
C LYS A 66 -18.89 9.84 -4.10
N ALA A 67 -18.07 10.74 -3.53
CA ALA A 67 -16.93 11.31 -4.26
C ALA A 67 -15.95 10.23 -4.75
N ALA A 68 -15.75 9.19 -3.93
CA ALA A 68 -14.78 8.15 -4.29
C ALA A 68 -15.36 7.20 -5.32
N ALA A 69 -16.67 6.95 -5.21
CA ALA A 69 -17.42 6.13 -6.17
C ALA A 69 -17.34 6.73 -7.57
N ASP A 70 -17.50 8.05 -7.66
CA ASP A 70 -17.45 8.80 -8.92
C ASP A 70 -16.05 8.85 -9.57
N ALA A 71 -15.00 8.53 -8.80
CA ALA A 71 -13.60 8.61 -9.29
C ALA A 71 -13.24 7.48 -10.23
N GLU A 72 -12.65 7.84 -11.37
CA GLU A 72 -12.11 6.87 -12.32
C GLU A 72 -10.64 6.65 -11.96
N ILE A 73 -10.37 5.53 -11.30
CA ILE A 73 -9.10 5.27 -10.67
C ILE A 73 -8.29 4.29 -11.52
N GLY A 74 -7.07 4.69 -11.89
CA GLY A 74 -6.14 3.78 -12.52
C GLY A 74 -4.78 3.74 -11.83
N VAL A 75 -4.29 2.53 -11.58
CA VAL A 75 -2.90 2.36 -11.18
C VAL A 75 -2.16 1.63 -12.26
N GLY A 76 -0.97 2.11 -12.61
CA GLY A 76 -0.12 1.40 -13.61
C GLY A 76 0.33 0.05 -13.08
N SER A 77 0.29 -0.96 -13.95
CA SER A 77 0.60 -2.33 -13.56
C SER A 77 2.08 -2.68 -13.76
N ASP A 78 2.84 -1.72 -14.31
CA ASP A 78 4.26 -1.90 -14.63
C ASP A 78 5.08 -1.55 -13.39
N PRO A 79 5.77 -2.56 -12.81
CA PRO A 79 6.57 -2.28 -11.61
C PRO A 79 7.69 -1.27 -11.82
N ASP A 80 8.12 -1.07 -13.07
CA ASP A 80 9.26 -0.17 -13.32
C ASP A 80 8.89 1.31 -13.34
N VAL A 81 7.59 1.63 -13.21
CA VAL A 81 7.17 3.03 -13.27
C VAL A 81 6.22 3.41 -12.14
N ASP A 82 6.35 4.65 -11.68
CA ASP A 82 5.43 5.21 -10.71
C ASP A 82 4.27 5.85 -11.49
N ALA A 83 3.14 5.15 -11.58
CA ALA A 83 1.98 5.65 -12.34
C ALA A 83 0.64 5.51 -11.62
N ALA A 84 0.05 6.67 -11.32
CA ALA A 84 -1.26 6.75 -10.72
C ALA A 84 -2.09 7.74 -11.51
N PHE A 85 -3.31 7.34 -11.84
CA PHE A 85 -4.19 8.14 -12.70
C PHE A 85 -5.57 8.35 -12.08
N LEU A 86 -6.07 9.58 -12.23
CA LEU A 86 -7.43 9.95 -11.87
C LEU A 86 -8.04 10.64 -13.07
N ALA A 87 -9.07 10.01 -13.65
CA ALA A 87 -9.72 10.48 -14.89
C ALA A 87 -8.72 10.79 -16.01
N GLY A 88 -7.72 9.92 -16.19
CA GLY A 88 -6.70 10.15 -17.20
C GLY A 88 -5.51 10.99 -16.78
N GLU A 89 -5.67 11.85 -15.78
CA GLU A 89 -4.59 12.74 -15.36
C GLU A 89 -3.54 11.99 -14.53
N ASP A 90 -2.27 12.27 -14.77
CA ASP A 90 -1.18 11.65 -13.99
C ASP A 90 -1.06 12.30 -12.61
N VAL A 91 -1.37 11.56 -11.55
CA VAL A 91 -1.38 12.15 -10.20
C VAL A 91 -0.37 11.48 -9.29
N SER A 92 0.61 10.81 -9.91
CA SER A 92 1.63 10.03 -9.21
C SER A 92 2.28 10.83 -8.08
N SER A 93 2.66 12.06 -8.40
CA SER A 93 3.35 12.91 -7.47
C SER A 93 2.38 13.37 -6.38
N GLU A 94 1.27 13.96 -6.81
CA GLU A 94 0.28 14.51 -5.86
C GLU A 94 -0.26 13.49 -4.83
N ILE A 95 -0.48 12.25 -5.23
CA ILE A 95 -1.02 11.25 -4.29
C ILE A 95 -0.04 10.85 -3.19
N ARG A 96 1.20 11.31 -3.31
CA ARG A 96 2.20 11.07 -2.28
C ARG A 96 2.44 12.34 -1.47
N GLY A 97 1.77 13.43 -1.83
CA GLY A 97 1.90 14.71 -1.11
C GLY A 97 1.22 14.73 0.26
N ASP A 98 1.45 15.79 1.01
CA ASP A 98 0.98 15.90 2.38
C ASP A 98 -0.53 15.86 2.57
N ALA A 99 -1.28 16.58 1.76
CA ALA A 99 -2.75 16.62 1.87
C ALA A 99 -3.34 15.20 1.71
N VAL A 100 -2.89 14.46 0.71
CA VAL A 100 -3.44 13.12 0.46
C VAL A 100 -2.99 12.18 1.59
N THR A 101 -1.75 12.32 2.03
CA THR A 101 -1.22 11.47 3.13
C THR A 101 -2.05 11.68 4.39
N GLY A 102 -2.46 12.94 4.64
CA GLY A 102 -3.18 13.28 5.87
C GLY A 102 -4.61 12.75 5.80
N ALA A 103 -5.23 12.84 4.63
CA ALA A 103 -6.65 12.49 4.45
C ALA A 103 -6.92 11.00 4.16
N VAL A 104 -5.89 10.25 3.77
CA VAL A 104 -6.16 8.89 3.23
C VAL A 104 -6.69 7.98 4.34
N SER A 105 -6.26 8.21 5.58
CA SER A 105 -6.80 7.40 6.70
C SER A 105 -8.32 7.61 6.87
N ALA A 106 -8.79 8.83 6.68
CA ALA A 106 -10.21 9.14 6.86
C ALA A 106 -11.01 8.53 5.71
N VAL A 107 -10.45 8.57 4.50
CA VAL A 107 -11.16 8.05 3.35
C VAL A 107 -11.17 6.51 3.39
N SER A 108 -10.03 5.96 3.79
CA SER A 108 -9.87 4.50 3.85
C SER A 108 -10.75 3.86 4.91
N ALA A 109 -11.11 4.63 5.93
CA ALA A 109 -11.92 4.13 7.04
C ALA A 109 -13.36 3.83 6.65
N VAL A 110 -13.82 4.41 5.56
CA VAL A 110 -15.24 4.31 5.19
C VAL A 110 -15.55 2.94 4.58
N PRO A 111 -16.47 2.17 5.19
CA PRO A 111 -16.62 0.79 4.74
C PRO A 111 -17.01 0.65 3.25
N ALA A 112 -17.84 1.55 2.73
CA ALA A 112 -18.25 1.43 1.33
C ALA A 112 -17.08 1.71 0.37
N VAL A 113 -16.14 2.55 0.82
CA VAL A 113 -14.94 2.85 0.03
C VAL A 113 -14.14 1.54 -0.10
N ARG A 114 -13.89 0.88 1.04
CA ARG A 114 -13.13 -0.39 1.05
C ARG A 114 -13.84 -1.44 0.23
N THR A 115 -15.15 -1.60 0.40
CA THR A 115 -15.91 -2.62 -0.35
C THR A 115 -15.68 -2.46 -1.85
N ARG A 116 -15.79 -1.23 -2.32
CA ARG A 116 -15.60 -0.97 -3.74
C ARG A 116 -14.20 -1.36 -4.18
N LEU A 117 -13.19 -0.85 -3.48
CA LEU A 117 -11.81 -1.07 -3.88
C LEU A 117 -11.38 -2.52 -3.74
N VAL A 118 -11.83 -3.20 -2.70
CA VAL A 118 -11.50 -4.62 -2.52
C VAL A 118 -12.04 -5.46 -3.70
N ASP A 119 -13.24 -5.14 -4.14
CA ASP A 119 -13.86 -5.89 -5.24
C ASP A 119 -13.06 -5.70 -6.52
N ILE A 120 -12.71 -4.45 -6.80
CA ILE A 120 -11.86 -4.13 -7.94
C ILE A 120 -10.53 -4.85 -7.86
N GLN A 121 -9.92 -4.86 -6.68
CA GLN A 121 -8.64 -5.53 -6.48
C GLN A 121 -8.74 -7.03 -6.74
N ARG A 122 -9.81 -7.64 -6.25
CA ARG A 122 -10.02 -9.07 -6.49
C ARG A 122 -10.19 -9.37 -7.97
N LYS A 123 -10.92 -8.51 -8.69
CA LYS A 123 -11.11 -8.73 -10.11
C LYS A 123 -9.78 -8.54 -10.85
N LEU A 124 -9.02 -7.50 -10.47
CA LEU A 124 -7.76 -7.21 -11.17
C LEU A 124 -6.77 -8.36 -10.99
N ALA A 125 -6.83 -8.98 -9.80
CA ALA A 125 -5.99 -10.12 -9.46
C ALA A 125 -6.19 -11.31 -10.41
N THR A 126 -7.37 -11.43 -11.04
CA THR A 126 -7.61 -12.54 -11.98
C THR A 126 -7.55 -12.14 -13.46
N GLU A 127 -7.08 -10.94 -13.75
CA GLU A 127 -7.15 -10.42 -15.12
C GLU A 127 -6.39 -11.29 -16.12
N GLY A 128 -5.32 -11.91 -15.65
CA GLY A 128 -4.51 -12.80 -16.49
C GLY A 128 -3.07 -12.78 -16.03
N GLY A 129 -2.45 -13.96 -16.02
CA GLY A 129 -1.04 -14.11 -15.72
C GLY A 129 -0.67 -13.71 -14.29
N ARG A 130 0.62 -13.44 -14.10
CA ARG A 130 1.14 -13.24 -12.79
C ARG A 130 0.88 -11.82 -12.25
N VAL A 131 0.71 -11.74 -10.93
CA VAL A 131 0.43 -10.45 -10.27
C VAL A 131 0.96 -10.44 -8.82
N VAL A 132 1.60 -9.36 -8.45
CA VAL A 132 2.04 -9.12 -7.08
C VAL A 132 1.17 -7.99 -6.54
N VAL A 133 0.43 -8.28 -5.48
CA VAL A 133 -0.54 -7.32 -4.89
C VAL A 133 -0.07 -6.87 -3.49
N GLU A 134 0.16 -5.57 -3.34
CA GLU A 134 0.77 -5.04 -2.11
C GLU A 134 -0.36 -4.39 -1.31
N GLY A 135 -0.30 -4.42 0.02
CA GLY A 135 -1.35 -3.82 0.85
C GLY A 135 -1.12 -4.11 2.35
N ARG A 136 -2.21 -4.12 3.14
CA ARG A 136 -2.13 -4.45 4.55
C ARG A 136 -2.79 -5.79 4.94
N ASP A 137 -3.83 -6.16 4.20
CA ASP A 137 -4.62 -7.39 4.44
C ASP A 137 -4.92 -8.09 3.15
N ILE A 138 -3.97 -8.04 2.23
CA ILE A 138 -4.12 -8.79 0.98
C ILE A 138 -4.22 -10.29 1.22
N GLY A 139 -3.26 -10.80 2.02
CA GLY A 139 -3.16 -12.24 2.30
C GLY A 139 -4.30 -12.75 3.16
N THR A 140 -4.87 -11.89 3.98
CA THR A 140 -5.84 -12.35 4.98
C THR A 140 -7.29 -12.07 4.54
N VAL A 141 -7.49 -10.94 3.86
CA VAL A 141 -8.86 -10.54 3.50
C VAL A 141 -9.12 -10.46 2.01
N VAL A 142 -8.28 -9.73 1.27
CA VAL A 142 -8.56 -9.47 -0.15
C VAL A 142 -8.41 -10.71 -1.00
N LEU A 143 -7.25 -11.36 -0.90
CA LEU A 143 -6.89 -12.54 -1.69
C LEU A 143 -6.47 -13.70 -0.77
N PRO A 144 -7.42 -14.24 0.02
CA PRO A 144 -7.05 -15.28 0.99
C PRO A 144 -6.53 -16.57 0.34
N ASP A 145 -6.78 -16.77 -0.95
CA ASP A 145 -6.30 -17.96 -1.66
C ASP A 145 -5.11 -17.61 -2.55
N ALA A 146 -4.46 -16.50 -2.28
CA ALA A 146 -3.22 -16.19 -2.98
C ALA A 146 -2.21 -17.36 -2.89
N ASP A 147 -1.45 -17.58 -3.96
CA ASP A 147 -0.54 -18.71 -4.06
C ASP A 147 0.67 -18.50 -3.17
N VAL A 148 1.15 -17.27 -3.07
CA VAL A 148 2.28 -16.99 -2.20
C VAL A 148 1.87 -15.79 -1.35
N LYS A 149 2.01 -15.91 -0.03
CA LYS A 149 1.74 -14.78 0.89
C LYS A 149 2.99 -14.46 1.67
N ILE A 150 3.32 -13.18 1.67
CA ILE A 150 4.52 -12.64 2.32
C ILE A 150 4.08 -11.49 3.24
N PHE A 151 4.58 -11.49 4.46
CA PHE A 151 4.29 -10.39 5.38
C PHE A 151 5.64 -9.87 5.82
N LEU A 152 5.84 -8.57 5.64
CA LEU A 152 7.11 -7.98 6.00
C LEU A 152 7.02 -7.15 7.26
N THR A 153 7.98 -7.34 8.14
CA THR A 153 7.99 -6.62 9.40
C THR A 153 9.40 -6.05 9.60
N ALA A 154 9.54 -5.06 10.47
CA ALA A 154 10.85 -4.52 10.85
C ALA A 154 10.63 -3.68 12.09
N SER A 155 11.67 -3.39 12.85
CA SER A 155 11.51 -2.54 14.03
C SER A 155 10.90 -1.19 13.64
N ALA A 156 10.22 -0.52 14.57
CA ALA A 156 9.79 0.88 14.37
C ALA A 156 10.94 1.82 13.97
N GLU A 157 12.09 1.65 14.62
CA GLU A 157 13.27 2.48 14.33
C GLU A 157 13.75 2.33 12.89
N GLU A 158 13.83 1.09 12.40
CA GLU A 158 14.27 0.85 11.02
C GLU A 158 13.23 1.32 10.02
N ARG A 159 11.95 1.11 10.32
CA ARG A 159 10.86 1.65 9.51
C ARG A 159 10.93 3.18 9.40
N ALA A 160 11.24 3.83 10.52
CA ALA A 160 11.39 5.30 10.54
C ALA A 160 12.63 5.75 9.76
N ARG A 161 13.73 5.01 9.91
CA ARG A 161 14.98 5.31 9.20
C ARG A 161 14.73 5.29 7.70
N ARG A 162 14.05 4.26 7.26
CA ARG A 162 13.78 4.08 5.86
C ARG A 162 12.91 5.23 5.38
N ARG A 163 11.80 5.49 6.09
CA ARG A 163 10.84 6.52 5.69
C ARG A 163 11.40 7.94 5.70
N ASN A 164 12.22 8.23 6.70
CA ASN A 164 12.96 9.48 6.75
C ASN A 164 14.01 9.60 5.62
N ALA A 165 14.74 8.52 5.33
CA ALA A 165 15.73 8.54 4.22
C ALA A 165 15.02 8.78 2.87
N GLN A 166 13.82 8.21 2.72
CA GLN A 166 12.94 8.45 1.56
C GLN A 166 12.46 9.91 1.43
N ASN A 167 12.11 10.52 2.56
CA ASN A 167 11.80 11.95 2.60
C ASN A 167 13.03 12.73 2.13
N VAL A 168 14.19 12.44 2.72
CA VAL A 168 15.41 13.17 2.39
C VAL A 168 15.73 13.00 0.92
N ALA A 169 15.70 11.75 0.44
CA ALA A 169 15.85 11.43 -0.98
C ALA A 169 14.82 12.17 -1.86
N ASN A 170 13.69 12.57 -1.27
CA ASN A 170 12.71 13.40 -2.00
C ASN A 170 12.87 14.92 -1.76
N GLY A 171 14.04 15.33 -1.28
CA GLY A 171 14.32 16.75 -1.00
C GLY A 171 13.56 17.33 0.20
N LEU A 172 12.81 16.45 0.87
CA LEU A 172 12.05 16.82 2.06
C LEU A 172 12.96 16.90 3.29
N PRO A 173 12.49 17.53 4.39
CA PRO A 173 13.40 17.72 5.52
C PRO A 173 13.87 16.42 6.19
N ASP A 174 15.06 16.48 6.79
CA ASP A 174 15.67 15.37 7.47
C ASP A 174 15.25 15.49 8.92
N ASP A 175 14.29 14.67 9.34
CA ASP A 175 13.75 14.79 10.69
C ASP A 175 13.37 13.41 11.22
N TYR A 176 14.38 12.65 11.62
CA TYR A 176 14.15 11.28 12.03
C TYR A 176 13.25 11.22 13.28
N ALA A 177 13.46 12.13 14.23
CA ALA A 177 12.65 12.13 15.46
C ALA A 177 11.15 12.23 15.15
N THR A 178 10.78 13.18 14.29
CA THR A 178 9.38 13.35 13.91
C THR A 178 8.81 12.12 13.19
N VAL A 179 9.59 11.54 12.26
CA VAL A 179 9.12 10.35 11.51
C VAL A 179 8.95 9.17 12.48
N LEU A 180 9.95 8.91 13.34
CA LEU A 180 9.77 7.89 14.38
C LEU A 180 8.50 8.13 15.26
N ALA A 181 8.31 9.37 15.75
CA ALA A 181 7.11 9.66 16.56
C ALA A 181 5.84 9.28 15.77
N ASP A 182 5.82 9.62 14.48
CA ASP A 182 4.67 9.31 13.59
C ASP A 182 4.49 7.78 13.43
N VAL A 183 5.59 7.06 13.22
CA VAL A 183 5.53 5.58 13.09
C VAL A 183 4.96 4.96 14.36
N GLN A 184 5.45 5.44 15.50
CA GLN A 184 4.97 4.98 16.79
C GLN A 184 3.52 5.29 17.03
N ARG A 185 3.11 6.49 16.64
CA ARG A 185 1.73 6.91 16.89
C ARG A 185 0.79 6.05 16.01
N ARG A 186 1.17 5.85 14.77
CA ARG A 186 0.33 5.05 13.84
C ARG A 186 0.31 3.59 14.26
N ASP A 187 1.41 3.08 14.79
CA ASP A 187 1.41 1.73 15.39
C ASP A 187 0.36 1.60 16.50
N HIS A 188 0.34 2.60 17.39
CA HIS A 188 -0.60 2.66 18.50
C HIS A 188 -2.07 2.70 18.01
N LEU A 189 -2.35 3.57 17.06
CA LEU A 189 -3.69 3.67 16.52
C LEU A 189 -4.11 2.45 15.70
N ASP A 190 -3.16 1.73 15.09
CA ASP A 190 -3.42 0.44 14.44
C ASP A 190 -3.90 -0.57 15.47
N SER A 191 -3.38 -0.48 16.69
CA SER A 191 -3.74 -1.47 17.69
C SER A 191 -5.04 -1.13 18.43
N THR A 192 -5.48 0.11 18.39
CA THR A 192 -6.64 0.51 19.21
C THR A 192 -7.79 0.84 18.30
N ARG A 193 -7.48 1.34 17.09
CA ARG A 193 -8.53 1.73 16.16
C ARG A 193 -8.24 1.21 14.76
N PRO A 194 -8.02 -0.11 14.61
CA PRO A 194 -7.69 -0.58 13.27
C PRO A 194 -8.90 -0.46 12.34
N VAL A 195 -8.66 -0.28 11.05
CA VAL A 195 -9.76 -0.22 10.08
C VAL A 195 -9.93 -1.56 9.36
N SER A 196 -9.01 -2.49 9.59
CA SER A 196 -9.06 -3.80 8.94
C SER A 196 -8.20 -4.77 9.75
N PRO A 197 -8.23 -6.06 9.41
CA PRO A 197 -7.18 -6.95 9.91
C PRO A 197 -5.81 -6.44 9.46
N LEU A 198 -4.80 -6.60 10.30
CA LEU A 198 -3.47 -6.03 10.02
C LEU A 198 -2.31 -7.01 10.22
N ARG A 199 -2.61 -8.24 10.60
CA ARG A 199 -1.57 -9.20 10.97
C ARG A 199 -1.31 -10.17 9.82
N ALA A 200 -0.28 -11.00 9.96
CA ALA A 200 0.11 -11.95 8.92
C ALA A 200 -0.92 -13.07 8.82
N ALA A 201 -1.22 -13.52 7.61
CA ALA A 201 -2.02 -14.76 7.43
C ALA A 201 -1.26 -15.92 8.07
N ASP A 202 -2.01 -16.87 8.63
CA ASP A 202 -1.36 -18.04 9.19
C ASP A 202 -0.55 -18.89 8.16
N ASP A 203 -0.83 -18.70 6.87
CA ASP A 203 -0.06 -19.34 5.80
C ASP A 203 0.85 -18.36 5.01
N ALA A 204 1.23 -17.25 5.66
CA ALA A 204 2.18 -16.28 5.10
C ALA A 204 3.58 -16.56 5.63
N LEU A 205 4.55 -16.30 4.77
CA LEU A 205 5.94 -16.16 5.17
C LEU A 205 6.06 -14.85 5.91
N VAL A 206 6.66 -14.88 7.09
CA VAL A 206 6.87 -13.66 7.84
C VAL A 206 8.38 -13.35 7.88
N VAL A 207 8.75 -12.18 7.36
CA VAL A 207 10.15 -11.79 7.19
C VAL A 207 10.48 -10.52 7.95
N ASP A 208 11.37 -10.65 8.93
CA ASP A 208 11.84 -9.45 9.60
C ASP A 208 12.96 -8.88 8.74
N THR A 209 12.70 -7.74 8.10
CA THR A 209 13.68 -7.14 7.17
C THR A 209 14.61 -6.13 7.88
N SER A 210 14.52 -6.01 9.21
CA SER A 210 15.33 -5.00 9.96
C SER A 210 16.80 -4.87 9.55
N ASP A 211 17.50 -6.00 9.38
CA ASP A 211 18.91 -5.92 9.00
C ASP A 211 19.20 -6.47 7.63
N MET A 212 18.26 -6.36 6.70
CA MET A 212 18.51 -6.82 5.35
C MET A 212 18.26 -5.74 4.32
N ASP A 213 19.04 -5.77 3.25
CA ASP A 213 18.81 -4.89 2.13
C ASP A 213 17.66 -5.41 1.28
N GLN A 214 16.90 -4.48 0.70
CA GLN A 214 15.74 -4.84 -0.12
C GLN A 214 16.11 -5.90 -1.19
N ALA A 215 17.32 -5.82 -1.75
CA ALA A 215 17.74 -6.76 -2.81
C ALA A 215 17.88 -8.19 -2.26
N GLN A 216 18.39 -8.27 -1.03
CA GLN A 216 18.49 -9.54 -0.35
C GLN A 216 17.10 -10.13 -0.06
N VAL A 217 16.17 -9.26 0.33
CA VAL A 217 14.82 -9.75 0.62
C VAL A 217 14.18 -10.31 -0.68
N ILE A 218 14.32 -9.56 -1.78
CA ILE A 218 13.74 -9.91 -3.08
C ILE A 218 14.38 -11.24 -3.52
N ALA A 219 15.71 -11.30 -3.41
CA ALA A 219 16.43 -12.48 -3.85
C ALA A 219 16.04 -13.72 -3.01
N HIS A 220 15.99 -13.61 -1.67
CA HIS A 220 15.58 -14.78 -0.84
C HIS A 220 14.18 -15.22 -1.24
N LEU A 221 13.27 -14.28 -1.44
CA LEU A 221 11.88 -14.63 -1.80
C LEU A 221 11.80 -15.28 -3.17
N LEU A 222 12.50 -14.73 -4.14
CA LEU A 222 12.57 -15.35 -5.47
C LEU A 222 13.00 -16.81 -5.38
N ASP A 223 14.00 -17.10 -4.54
CA ASP A 223 14.47 -18.48 -4.35
C ASP A 223 13.39 -19.44 -3.85
N LEU A 224 12.37 -18.90 -3.18
CA LEU A 224 11.26 -19.73 -2.64
C LEU A 224 10.05 -19.85 -3.56
N VAL A 225 9.99 -19.03 -4.60
CA VAL A 225 8.87 -19.09 -5.52
C VAL A 225 9.14 -20.13 -6.64
#